data_3MJY
#
_entry.id   3MJY
#
_cell.length_a   141.264
_cell.length_b   141.264
_cell.length_c   68.743
_cell.angle_alpha   90.00
_cell.angle_beta   90.00
_cell.angle_gamma   120.00
#
_symmetry.space_group_name_H-M   'P 61'
#
loop_
_entity.id
_entity.type
_entity.pdbx_description
1 polymer 'Dihydroorotate dehydrogenase'
2 non-polymer 'FLAVIN MONONUCLEOTIDE'
3 non-polymer '5-amino-2,6-dioxo-1,2,3,6-tetrahydropyrimidine-4-carboxylic acid'
4 non-polymer GLYCEROL
5 non-polymer 'SULFATE ION'
6 water water
#
_entity_poly.entity_id   1
_entity_poly.type   'polypeptide(L)'
_entity_poly.pdbx_seq_one_letter_code
;MGSSHHHHHHSSGLVPAGSHMASMTGGQQMGRGSMSLQVNLLNNTFANPFMNAAGVMCTTTEELVAMTESASGSLVSKSC
TPALREGNPTPRYQALPLGSINSMGLPNNGFDFYLAYAAEQHDYGKKPLFLSMSGLSMRENVEMCKRLAAVATEKGVILE
LNLSCPNVPGKPQVAYDFDAMRQCLTAVSEVYPHSFGVKMPPYFDFAHFDAAAEILNEFPKVQFITCINSIGNGLVIDAE
TESVVIKPKQGFGGLGGRYVLPTALANINAFYRRCPGKLIFGCGGVYTGEDAFLHVLAGASMVQVGTALQEEGPSIFERL
TSELLGVMAKKRYQTLDEFRGKVRTL
;
_entity_poly.pdbx_strand_id   A,B
#
# COMPACT_ATOMS: atom_id res chain seq x y z
N GLY A 33 1.57 25.98 29.64
CA GLY A 33 2.60 25.28 30.46
C GLY A 33 3.81 24.79 29.68
N SER A 34 4.73 24.12 30.35
CA SER A 34 5.95 23.66 29.71
C SER A 34 5.74 22.41 28.87
N MET A 35 6.23 22.42 27.64
CA MET A 35 6.12 21.26 26.78
C MET A 35 7.49 20.80 26.34
N SER A 36 7.59 19.54 25.97
CA SER A 36 8.85 18.99 25.55
C SER A 36 8.63 17.91 24.52
N LEU A 37 9.42 17.97 23.46
CA LEU A 37 9.41 16.94 22.43
C LEU A 37 10.52 15.95 22.73
N GLN A 38 11.15 16.09 23.89
CA GLN A 38 12.24 15.22 24.23
C GLN A 38 11.83 13.74 24.20
N VAL A 39 12.75 12.93 23.71
CA VAL A 39 12.56 11.49 23.67
C VAL A 39 13.81 10.86 24.27
N ASN A 40 13.60 9.87 25.12
CA ASN A 40 14.72 9.15 25.71
C ASN A 40 14.62 7.68 25.35
N LEU A 41 15.60 7.19 24.62
CA LEU A 41 15.59 5.81 24.22
C LEU A 41 16.97 5.43 23.75
N LEU A 42 17.26 4.13 23.78
CA LEU A 42 18.55 3.62 23.33
C LEU A 42 19.70 4.33 24.04
N ASN A 43 19.53 4.59 25.33
CA ASN A 43 20.57 5.25 26.13
C ASN A 43 20.95 6.59 25.55
N ASN A 44 20.01 7.22 24.85
CA ASN A 44 20.25 8.55 24.31
C ASN A 44 19.13 9.49 24.65
N THR A 45 19.42 10.77 24.59
CA THR A 45 18.41 11.78 24.68
C THR A 45 18.28 12.49 23.35
N PHE A 46 17.03 12.67 22.91
CA PHE A 46 16.76 13.33 21.64
C PHE A 46 15.97 14.57 21.95
N ALA A 47 16.35 15.69 21.36
CA ALA A 47 15.67 16.94 21.65
C ALA A 47 14.24 16.87 21.15
N ASN A 48 14.04 16.08 20.10
CA ASN A 48 12.70 15.87 19.56
C ASN A 48 12.71 14.56 18.78
N PRO A 49 11.53 14.07 18.39
CA PRO A 49 11.50 12.73 17.79
C PRO A 49 11.83 12.75 16.30
N PHE A 50 12.01 13.93 15.72
CA PHE A 50 12.12 13.99 14.27
C PHE A 50 13.49 13.61 13.78
N MET A 51 13.52 12.93 12.65
CA MET A 51 14.77 12.67 11.98
C MET A 51 14.42 12.46 10.52
N ASN A 52 15.43 12.38 9.67
CA ASN A 52 15.18 12.08 8.29
C ASN A 52 14.87 10.60 8.18
N ALA A 53 14.11 10.22 7.17
CA ALA A 53 13.99 8.81 6.79
C ALA A 53 15.30 8.42 6.11
N ALA A 54 15.75 7.19 6.31
CA ALA A 54 16.96 6.74 5.64
C ALA A 54 16.80 6.98 4.15
N GLY A 55 17.88 7.43 3.52
CA GLY A 55 17.89 7.59 2.08
C GLY A 55 17.48 8.97 1.63
N VAL A 56 16.86 9.74 2.50
CA VAL A 56 16.49 11.11 2.15
C VAL A 56 17.43 12.09 2.81
N MET A 57 18.10 12.89 1.99
CA MET A 57 18.96 13.96 2.45
C MET A 57 20.01 13.52 3.47
N CYS A 58 20.72 12.45 3.16
CA CYS A 58 21.65 11.87 4.11
C CYS A 58 22.65 10.98 3.40
N THR A 59 22.96 11.31 2.16
CA THR A 59 23.88 10.48 1.40
C THR A 59 25.29 11.07 1.45
N THR A 60 25.38 12.40 1.33
CA THR A 60 26.68 13.04 1.21
C THR A 60 27.08 13.67 2.54
N THR A 61 28.36 13.96 2.66
CA THR A 61 28.85 14.69 3.82
C THR A 61 28.01 15.93 4.06
N GLU A 62 27.76 16.70 3.01
CA GLU A 62 27.02 17.93 3.15
C GLU A 62 25.61 17.65 3.69
N GLU A 63 24.97 16.61 3.19
CA GLU A 63 23.65 16.26 3.65
C GLU A 63 23.69 15.86 5.12
N LEU A 64 24.65 15.03 5.48
CA LEU A 64 24.77 14.59 6.86
C LEU A 64 25.00 15.78 7.78
N VAL A 65 25.94 16.65 7.40
CA VAL A 65 26.18 17.86 8.16
C VAL A 65 24.93 18.70 8.29
N ALA A 66 24.22 18.89 7.17
CA ALA A 66 23.00 19.70 7.17
C ALA A 66 21.92 19.11 8.07
N MET A 67 21.82 17.78 8.09
CA MET A 67 20.88 17.09 8.98
C MET A 67 21.28 17.29 10.43
N THR A 68 22.58 17.18 10.69
CA THR A 68 23.13 17.43 12.01
C THR A 68 22.88 18.87 12.49
N GLU A 69 23.06 19.83 11.59
CA GLU A 69 22.87 21.23 11.96
CA GLU A 69 22.88 21.25 11.91
C GLU A 69 21.40 21.60 12.03
N SER A 70 20.54 20.72 11.50
CA SER A 70 19.11 21.00 11.49
C SER A 70 18.51 20.87 12.88
N ALA A 71 17.24 21.23 13.00
CA ALA A 71 16.50 21.10 14.25
C ALA A 71 16.07 19.66 14.58
N SER A 72 16.36 18.72 13.70
CA SER A 72 15.92 17.34 13.91
C SER A 72 16.51 16.78 15.20
N GLY A 73 15.78 15.86 15.82
CA GLY A 73 16.29 15.20 17.03
C GLY A 73 17.38 14.21 16.70
N SER A 74 17.40 13.74 15.44
CA SER A 74 18.42 12.80 15.02
C SER A 74 18.54 12.75 13.52
N LEU A 75 19.33 11.82 13.03
CA LEU A 75 19.45 11.65 11.60
C LEU A 75 19.88 10.23 11.38
N VAL A 76 19.68 9.73 10.17
CA VAL A 76 20.13 8.40 9.84
C VAL A 76 20.79 8.55 8.48
N SER A 77 21.93 7.88 8.30
CA SER A 77 22.66 7.99 7.07
C SER A 77 21.98 7.15 5.99
N LYS A 78 22.22 7.48 4.73
CA LYS A 78 21.68 6.74 3.61
C LYS A 78 22.03 5.28 3.77
N SER A 79 21.06 4.40 3.50
CA SER A 79 21.31 2.96 3.56
C SER A 79 22.53 2.61 2.73
N CYS A 80 23.51 1.94 3.34
CA CYS A 80 24.77 1.76 2.66
C CYS A 80 24.98 0.33 2.24
N THR A 81 25.80 0.18 1.21
CA THR A 81 26.29 -1.12 0.80
C THR A 81 27.80 -1.08 1.05
N PRO A 82 28.46 -2.24 0.98
CA PRO A 82 29.89 -2.27 1.29
C PRO A 82 30.70 -1.28 0.44
N ALA A 83 30.34 -1.16 -0.83
CA ALA A 83 31.01 -0.25 -1.73
C ALA A 83 30.04 0.82 -2.23
N LEU A 84 30.61 1.95 -2.63
CA LEU A 84 29.88 2.98 -3.33
C LEU A 84 28.97 2.36 -4.39
N ARG A 85 27.76 2.89 -4.52
CA ARG A 85 26.84 2.46 -5.57
C ARG A 85 26.32 3.70 -6.24
N GLU A 86 26.32 3.67 -7.57
CA GLU A 86 25.82 4.78 -8.36
C GLU A 86 24.28 4.84 -8.28
N GLY A 87 23.66 3.68 -8.08
CA GLY A 87 22.20 3.62 -8.02
C GLY A 87 21.61 3.48 -9.40
N ASN A 88 20.30 3.60 -9.50
CA ASN A 88 19.59 3.38 -10.74
C ASN A 88 19.70 4.57 -11.68
N PRO A 89 19.42 4.35 -12.97
CA PRO A 89 19.37 5.42 -13.96
C PRO A 89 18.25 6.42 -13.61
N THR A 90 18.43 7.68 -13.98
CA THR A 90 17.47 8.73 -13.69
C THR A 90 16.52 8.88 -14.88
N PRO A 91 15.33 9.44 -14.65
CA PRO A 91 14.80 9.85 -13.35
C PRO A 91 14.47 8.64 -12.48
N ARG A 92 14.72 8.75 -11.19
CA ARG A 92 14.52 7.60 -10.31
C ARG A 92 13.75 8.02 -9.07
N TYR A 93 13.42 9.30 -9.02
CA TYR A 93 12.62 9.88 -7.96
C TYR A 93 11.70 10.88 -8.61
N GLN A 94 10.44 10.90 -8.19
CA GLN A 94 9.52 11.92 -8.67
C GLN A 94 8.64 12.37 -7.51
N ALA A 95 8.67 13.65 -7.19
CA ALA A 95 7.72 14.22 -6.26
C ALA A 95 6.35 14.27 -6.94
N LEU A 96 5.30 14.04 -6.16
CA LEU A 96 3.94 13.94 -6.67
C LEU A 96 3.04 14.72 -5.73
N PRO A 97 1.87 15.14 -6.20
CA PRO A 97 0.96 15.87 -5.32
C PRO A 97 0.68 15.10 -4.04
N LEU A 98 0.56 13.78 -4.11
CA LEU A 98 0.23 12.99 -2.92
C LEU A 98 1.44 12.30 -2.30
N GLY A 99 2.64 12.66 -2.74
CA GLY A 99 3.79 12.03 -2.14
C GLY A 99 4.96 11.93 -3.09
N SER A 100 5.46 10.72 -3.27
CA SER A 100 6.61 10.50 -4.12
C SER A 100 6.67 9.08 -4.58
N ILE A 101 7.43 8.87 -5.64
CA ILE A 101 7.77 7.53 -6.04
C ILE A 101 9.25 7.51 -6.32
N ASN A 102 9.90 6.42 -5.93
CA ASN A 102 11.33 6.31 -6.17
C ASN A 102 11.74 4.88 -6.42
N SER A 103 12.78 4.75 -7.24
CA SER A 103 13.54 3.53 -7.34
CA SER A 103 13.55 3.52 -7.33
C SER A 103 14.99 3.97 -7.39
N MET A 104 15.49 4.49 -6.27
CA MET A 104 16.83 5.07 -6.26
C MET A 104 17.87 4.01 -6.59
N GLY A 105 17.68 2.81 -6.05
CA GLY A 105 18.59 1.69 -6.32
C GLY A 105 19.82 1.76 -5.41
N LEU A 106 19.63 2.23 -4.18
CA LEU A 106 20.70 2.30 -3.17
C LEU A 106 21.94 3.09 -3.61
N PRO A 107 21.75 4.26 -4.24
CA PRO A 107 22.97 5.05 -4.44
C PRO A 107 23.49 5.45 -3.08
N ASN A 108 24.75 5.18 -2.84
CA ASN A 108 25.32 5.52 -1.55
C ASN A 108 26.83 5.54 -1.69
N ASN A 109 27.47 6.18 -0.73
CA ASN A 109 28.90 6.42 -0.82
C ASN A 109 29.69 5.22 -0.32
N GLY A 110 28.98 4.16 0.06
CA GLY A 110 29.62 2.96 0.58
C GLY A 110 29.78 2.99 2.08
N PHE A 111 29.85 1.80 2.66
CA PHE A 111 29.94 1.66 4.11
C PHE A 111 31.11 2.42 4.74
N ASP A 112 32.31 2.33 4.16
CA ASP A 112 33.46 2.99 4.75
C ASP A 112 33.14 4.45 4.98
N PHE A 113 32.46 5.05 4.01
CA PHE A 113 32.13 6.47 4.09
C PHE A 113 31.24 6.79 5.29
N TYR A 114 30.13 6.07 5.41
CA TYR A 114 29.19 6.32 6.51
C TYR A 114 29.82 5.91 7.84
N LEU A 115 30.64 4.87 7.80
CA LEU A 115 31.36 4.43 8.99
C LEU A 115 32.33 5.50 9.46
N ALA A 116 33.04 6.12 8.51
CA ALA A 116 33.99 7.17 8.82
C ALA A 116 33.25 8.39 9.32
N TYR A 117 32.12 8.70 8.70
CA TYR A 117 31.32 9.80 9.19
C TYR A 117 30.93 9.55 10.65
N ALA A 118 30.46 8.33 10.96
CA ALA A 118 30.06 7.98 12.32
C ALA A 118 31.25 7.99 13.28
N ALA A 119 32.39 7.48 12.80
CA ALA A 119 33.56 7.34 13.66
C ALA A 119 34.31 8.65 13.91
N GLU A 120 34.41 9.47 12.88
CA GLU A 120 35.35 10.59 12.87
CA GLU A 120 35.33 10.61 12.95
C GLU A 120 34.68 11.97 12.80
N GLN A 121 33.54 12.06 12.11
CA GLN A 121 33.01 13.39 11.79
C GLN A 121 31.75 13.82 12.51
N HIS A 122 30.84 12.88 12.74
CA HIS A 122 29.58 13.28 13.33
C HIS A 122 29.78 13.91 14.69
N ASP A 123 29.09 15.03 14.92
CA ASP A 123 29.08 15.65 16.24
C ASP A 123 27.99 15.06 17.11
N TYR A 124 28.33 14.06 17.91
CA TYR A 124 27.34 13.42 18.77
C TYR A 124 26.86 14.37 19.86
N GLY A 125 27.61 15.45 20.06
CA GLY A 125 27.19 16.49 20.98
C GLY A 125 25.91 17.15 20.51
N LYS A 126 25.69 17.17 19.19
CA LYS A 126 24.50 17.79 18.66
C LYS A 126 23.29 16.86 18.69
N LYS A 127 23.48 15.62 18.26
CA LYS A 127 22.38 14.66 18.25
C LYS A 127 22.90 13.27 17.95
N PRO A 128 22.17 12.23 18.39
CA PRO A 128 22.59 10.88 18.10
C PRO A 128 22.54 10.64 16.61
N LEU A 129 23.28 9.64 16.16
CA LEU A 129 23.34 9.27 14.77
C LEU A 129 22.93 7.81 14.59
N PHE A 130 22.06 7.58 13.62
CA PHE A 130 21.75 6.26 13.17
C PHE A 130 22.45 6.03 11.85
N LEU A 131 22.90 4.79 11.66
CA LEU A 131 23.52 4.41 10.41
C LEU A 131 22.65 3.34 9.80
N SER A 132 22.16 3.61 8.60
CA SER A 132 21.32 2.64 7.93
C SER A 132 22.16 1.76 7.04
N MET A 133 21.92 0.48 7.17
CA MET A 133 22.71 -0.48 6.44
C MET A 133 21.81 -1.34 5.57
N SER A 134 22.20 -1.52 4.31
CA SER A 134 21.39 -2.33 3.41
C SER A 134 22.26 -3.18 2.50
N GLY A 135 23.01 -4.09 3.08
CA GLY A 135 23.88 -4.97 2.31
C GLY A 135 23.01 -5.69 1.30
N LEU A 136 23.59 -6.06 0.16
CA LEU A 136 22.88 -6.75 -0.90
C LEU A 136 22.82 -8.25 -0.63
N SER A 137 23.46 -8.69 0.44
CA SER A 137 23.33 -10.07 0.87
C SER A 137 23.53 -10.13 2.37
N MET A 138 23.12 -11.24 2.96
CA MET A 138 23.41 -11.49 4.37
C MET A 138 24.91 -11.32 4.64
N ARG A 139 25.74 -11.89 3.76
CA ARG A 139 27.19 -11.79 3.90
CA ARG A 139 27.19 -11.78 3.89
C ARG A 139 27.63 -10.34 4.05
N GLU A 140 27.11 -9.46 3.20
CA GLU A 140 27.54 -8.06 3.25
C GLU A 140 27.15 -7.41 4.57
N ASN A 141 25.93 -7.68 5.03
CA ASN A 141 25.49 -7.13 6.30
C ASN A 141 26.35 -7.62 7.43
N VAL A 142 26.69 -8.91 7.41
CA VAL A 142 27.57 -9.45 8.43
C VAL A 142 28.90 -8.74 8.42
N GLU A 143 29.50 -8.59 7.24
CA GLU A 143 30.82 -7.99 7.21
CA GLU A 143 30.81 -7.95 7.09
C GLU A 143 30.78 -6.53 7.64
N MET A 144 29.76 -5.80 7.23
CA MET A 144 29.67 -4.41 7.66
C MET A 144 29.42 -4.29 9.16
N CYS A 145 28.51 -5.10 9.67
CA CYS A 145 28.22 -5.07 11.11
C CYS A 145 29.47 -5.38 11.92
N LYS A 146 30.21 -6.39 11.47
CA LYS A 146 31.44 -6.75 12.17
C LYS A 146 32.30 -5.53 12.37
N ARG A 147 32.42 -4.70 11.33
CA ARG A 147 33.22 -3.49 11.41
C ARG A 147 32.51 -2.36 12.11
N LEU A 148 31.19 -2.30 11.98
CA LEU A 148 30.42 -1.24 12.63
C LEU A 148 30.50 -1.34 14.15
N ALA A 149 30.57 -2.57 14.65
CA ALA A 149 30.51 -2.85 16.08
C ALA A 149 31.41 -1.90 16.86
N ALA A 150 32.66 -1.78 16.43
CA ALA A 150 33.63 -1.00 17.16
C ALA A 150 33.23 0.45 17.21
N VAL A 151 32.74 0.97 16.08
CA VAL A 151 32.37 2.38 16.03
C VAL A 151 31.13 2.64 16.88
N ALA A 152 30.20 1.68 16.88
CA ALA A 152 29.02 1.81 17.74
C ALA A 152 29.46 1.86 19.20
N THR A 153 30.36 0.95 19.57
CA THR A 153 30.87 0.91 20.93
C THR A 153 31.49 2.24 21.32
N GLU A 154 32.41 2.72 20.48
CA GLU A 154 33.20 3.90 20.82
C GLU A 154 32.44 5.22 20.66
N LYS A 155 31.61 5.31 19.62
CA LYS A 155 30.98 6.58 19.26
C LYS A 155 29.47 6.63 19.55
N GLY A 156 28.83 5.47 19.56
CA GLY A 156 27.42 5.38 19.94
C GLY A 156 26.47 5.43 18.76
N VAL A 157 27.02 5.41 17.55
CA VAL A 157 26.21 5.29 16.35
C VAL A 157 25.31 4.07 16.46
N ILE A 158 24.07 4.21 16.03
CA ILE A 158 23.06 3.18 16.20
C ILE A 158 22.67 2.65 14.83
N LEU A 159 22.78 1.34 14.68
CA LEU A 159 22.44 0.70 13.43
C LEU A 159 20.93 0.66 13.21
N GLU A 160 20.48 1.11 12.04
CA GLU A 160 19.15 0.78 11.56
C GLU A 160 19.33 -0.16 10.39
N LEU A 161 18.96 -1.41 10.58
CA LEU A 161 19.16 -2.41 9.55
C LEU A 161 17.98 -2.40 8.60
N ASN A 162 18.25 -2.06 7.34
CA ASN A 162 17.21 -1.98 6.35
C ASN A 162 16.85 -3.37 5.88
N LEU A 163 15.69 -3.86 6.31
CA LEU A 163 15.24 -5.19 5.90
C LEU A 163 14.34 -5.12 4.66
N SER A 164 14.15 -3.91 4.12
CA SER A 164 13.06 -3.64 3.16
C SER A 164 13.55 -2.99 1.87
N GLN A 173 11.85 -9.10 -1.46
CA GLN A 173 12.69 -8.44 -0.47
C GLN A 173 12.65 -9.13 0.90
N VAL A 174 13.70 -8.91 1.69
CA VAL A 174 13.96 -9.70 2.88
C VAL A 174 12.75 -9.77 3.82
N ALA A 175 12.26 -8.61 4.23
CA ALA A 175 11.16 -8.59 5.18
C ALA A 175 9.85 -9.15 4.60
N TYR A 176 9.76 -9.34 3.28
CA TYR A 176 8.58 -10.00 2.68
C TYR A 176 8.79 -11.48 2.52
N ASP A 177 10.00 -11.92 2.85
CA ASP A 177 10.30 -13.31 2.92
C ASP A 177 10.72 -13.54 4.38
N PHE A 178 9.82 -14.09 5.18
CA PHE A 178 10.09 -14.23 6.60
C PHE A 178 11.30 -15.12 6.92
N ASP A 179 11.58 -16.10 6.06
CA ASP A 179 12.79 -16.89 6.26
C ASP A 179 14.04 -16.06 6.04
N ALA A 180 14.07 -15.29 4.95
CA ALA A 180 15.21 -14.43 4.70
C ALA A 180 15.36 -13.43 5.85
N MET A 181 14.23 -12.96 6.36
CA MET A 181 14.24 -12.02 7.47
C MET A 181 14.81 -12.65 8.72
N ARG A 182 14.33 -13.84 9.07
CA ARG A 182 14.87 -14.54 10.22
C ARG A 182 16.38 -14.69 10.03
N GLN A 183 16.76 -15.14 8.84
CA GLN A 183 18.14 -15.45 8.59
C GLN A 183 18.98 -14.19 8.73
N CYS A 184 18.51 -13.10 8.13
CA CYS A 184 19.22 -11.83 8.22
C CYS A 184 19.46 -11.38 9.66
N LEU A 185 18.42 -11.46 10.49
CA LEU A 185 18.52 -11.01 11.87
C LEU A 185 19.37 -11.95 12.69
N THR A 186 19.29 -13.24 12.38
CA THR A 186 20.09 -14.22 13.08
C THR A 186 21.54 -13.89 12.83
N ALA A 187 21.85 -13.67 11.55
CA ALA A 187 23.22 -13.39 11.14
C ALA A 187 23.71 -12.11 11.81
N VAL A 188 22.94 -11.04 11.68
CA VAL A 188 23.37 -9.77 12.27
C VAL A 188 23.46 -9.90 13.79
N SER A 189 22.46 -10.52 14.41
CA SER A 189 22.50 -10.67 15.87
C SER A 189 23.70 -11.47 16.32
N GLU A 190 24.07 -12.47 15.52
CA GLU A 190 25.21 -13.31 15.86
C GLU A 190 26.51 -12.52 15.90
N VAL A 191 26.71 -11.63 14.92
CA VAL A 191 28.00 -10.95 14.79
C VAL A 191 28.04 -9.54 15.37
N TYR A 192 26.87 -8.96 15.63
CA TYR A 192 26.82 -7.56 16.02
C TYR A 192 26.43 -7.46 17.48
N PRO A 193 27.36 -6.99 18.34
CA PRO A 193 27.24 -7.07 19.80
C PRO A 193 26.55 -5.83 20.35
N HIS A 194 25.49 -5.39 19.69
CA HIS A 194 24.79 -4.20 20.12
C HIS A 194 23.34 -4.35 19.77
N SER A 195 22.51 -3.57 20.46
CA SER A 195 21.14 -3.36 20.05
CA SER A 195 21.14 -3.35 20.05
C SER A 195 21.13 -2.64 18.71
N PHE A 196 20.08 -2.87 17.92
CA PHE A 196 19.93 -2.17 16.67
C PHE A 196 18.46 -2.11 16.36
N GLY A 197 18.13 -1.47 15.26
CA GLY A 197 16.76 -1.42 14.83
C GLY A 197 16.64 -1.98 13.43
N VAL A 198 15.41 -2.20 13.00
CA VAL A 198 15.18 -2.74 11.68
C VAL A 198 14.17 -1.83 11.00
N LYS A 199 14.45 -1.53 9.75
CA LYS A 199 13.55 -0.74 8.95
C LYS A 199 12.70 -1.72 8.17
N MET A 200 11.38 -1.61 8.35
CA MET A 200 10.48 -2.64 7.85
C MET A 200 9.69 -2.10 6.67
N PRO A 201 9.44 -2.97 5.69
CA PRO A 201 8.47 -2.63 4.67
C PRO A 201 7.11 -2.74 5.32
N PRO A 202 6.08 -2.11 4.72
CA PRO A 202 4.74 -2.24 5.25
C PRO A 202 4.20 -3.65 5.08
N TYR A 203 3.42 -4.11 6.06
CA TYR A 203 2.58 -5.27 5.85
C TYR A 203 1.14 -4.83 5.80
N PHE A 204 0.29 -5.75 5.37
CA PHE A 204 -1.05 -5.41 4.98
C PHE A 204 -2.07 -6.41 5.53
N ASP A 205 -1.64 -7.24 6.46
CA ASP A 205 -2.62 -8.08 7.15
C ASP A 205 -2.07 -8.60 8.45
N PHE A 206 -2.97 -9.04 9.32
CA PHE A 206 -2.59 -9.33 10.68
C PHE A 206 -1.71 -10.56 10.72
N ALA A 207 -1.94 -11.49 9.79
CA ALA A 207 -1.13 -12.70 9.72
C ALA A 207 0.32 -12.30 9.56
N HIS A 208 0.56 -11.32 8.69
CA HIS A 208 1.91 -10.83 8.46
C HIS A 208 2.43 -10.02 9.63
N PHE A 209 1.62 -9.12 10.18
CA PHE A 209 2.01 -8.45 11.41
C PHE A 209 2.42 -9.47 12.46
N ASP A 210 1.63 -10.54 12.61
CA ASP A 210 1.93 -11.50 13.67
C ASP A 210 3.21 -12.25 13.36
N ALA A 211 3.33 -12.70 12.11
CA ALA A 211 4.52 -13.42 11.68
C ALA A 211 5.80 -12.59 11.84
N ALA A 212 5.73 -11.32 11.43
CA ALA A 212 6.90 -10.45 11.52
C ALA A 212 7.24 -10.17 12.98
N ALA A 213 6.23 -9.84 13.77
CA ALA A 213 6.45 -9.52 15.18
C ALA A 213 7.02 -10.74 15.88
N GLU A 214 6.50 -11.91 15.53
CA GLU A 214 6.95 -13.15 16.17
C GLU A 214 8.45 -13.26 15.93
N ILE A 215 8.86 -13.09 14.68
CA ILE A 215 10.27 -13.14 14.36
C ILE A 215 11.07 -12.05 15.08
N LEU A 216 10.60 -10.81 15.01
CA LEU A 216 11.32 -9.71 15.64
C LEU A 216 11.44 -9.94 17.14
N ASN A 217 10.40 -10.47 17.75
CA ASN A 217 10.42 -10.71 19.20
C ASN A 217 11.41 -11.77 19.63
N GLU A 218 11.85 -12.59 18.68
CA GLU A 218 12.87 -13.60 18.96
C GLU A 218 14.28 -13.05 19.00
N PHE A 219 14.42 -11.75 18.75
CA PHE A 219 15.73 -11.10 18.71
C PHE A 219 15.77 -9.90 19.66
N PRO A 220 16.32 -10.11 20.87
CA PRO A 220 16.33 -9.08 21.89
C PRO A 220 17.17 -7.89 21.48
N LYS A 221 18.10 -8.08 20.53
CA LYS A 221 18.94 -6.96 20.11
C LYS A 221 18.16 -5.97 19.24
N VAL A 222 17.09 -6.44 18.61
CA VAL A 222 16.24 -5.54 17.85
C VAL A 222 15.44 -4.76 18.87
N GLN A 223 15.83 -3.52 19.06
CA GLN A 223 15.21 -2.72 20.10
CA GLN A 223 15.28 -2.67 20.10
C GLN A 223 14.36 -1.60 19.54
N PHE A 224 14.46 -1.37 18.23
CA PHE A 224 13.47 -0.52 17.58
C PHE A 224 13.12 -1.06 16.21
N ILE A 225 11.91 -0.75 15.79
CA ILE A 225 11.39 -1.18 14.54
C ILE A 225 10.91 0.08 13.85
N THR A 226 11.45 0.36 12.67
CA THR A 226 11.04 1.52 11.95
C THR A 226 10.04 1.10 10.92
N CYS A 227 8.83 1.63 11.05
CA CYS A 227 7.71 1.34 10.18
C CYS A 227 7.29 2.68 9.60
N ILE A 228 7.41 2.90 8.30
CA ILE A 228 7.65 1.86 7.33
C ILE A 228 8.57 2.37 6.23
N ASN A 229 9.12 1.44 5.46
CA ASN A 229 9.72 1.78 4.20
C ASN A 229 8.58 2.15 3.26
N SER A 230 8.90 2.53 2.05
CA SER A 230 7.88 2.93 1.09
C SER A 230 6.89 1.80 0.83
N ILE A 231 5.70 2.14 0.37
CA ILE A 231 4.81 1.11 -0.11
C ILE A 231 5.39 0.64 -1.45
N GLY A 232 5.79 -0.63 -1.52
CA GLY A 232 6.61 -1.11 -2.62
C GLY A 232 5.92 -1.11 -3.99
N ASN A 233 6.69 -0.77 -5.01
CA ASN A 233 6.28 -1.04 -6.39
C ASN A 233 4.89 -0.56 -6.75
N GLY A 234 4.62 0.69 -6.41
CA GLY A 234 3.50 1.38 -7.02
C GLY A 234 3.94 1.76 -8.43
N LEU A 235 2.98 2.25 -9.21
CA LEU A 235 3.28 2.65 -10.56
C LEU A 235 2.57 3.94 -10.81
N VAL A 236 3.34 5.01 -10.88
CA VAL A 236 2.79 6.30 -11.19
C VAL A 236 2.80 6.50 -12.70
N ILE A 237 1.66 6.88 -13.23
CA ILE A 237 1.53 7.17 -14.65
C ILE A 237 1.10 8.60 -14.82
N ASP A 238 1.83 9.32 -15.68
CA ASP A 238 1.53 10.71 -15.95
C ASP A 238 0.56 10.72 -17.11
N ALA A 239 -0.67 11.18 -16.86
CA ALA A 239 -1.72 11.10 -17.89
C ALA A 239 -1.37 11.99 -19.07
N GLU A 240 -0.66 13.08 -18.80
CA GLU A 240 -0.25 14.00 -19.86
C GLU A 240 0.69 13.31 -20.84
N THR A 241 1.72 12.64 -20.32
CA THR A 241 2.74 12.04 -21.16
C THR A 241 2.43 10.60 -21.51
N GLU A 242 1.38 10.05 -20.90
CA GLU A 242 1.03 8.65 -21.07
C GLU A 242 2.20 7.75 -20.79
N SER A 243 2.98 8.10 -19.76
CA SER A 243 4.17 7.36 -19.46
C SER A 243 4.31 7.25 -17.96
N VAL A 244 5.13 6.29 -17.52
CA VAL A 244 5.58 6.27 -16.14
C VAL A 244 6.50 7.47 -15.92
N VAL A 245 6.92 7.69 -14.68
CA VAL A 245 7.62 8.92 -14.32
C VAL A 245 9.03 8.65 -13.81
N ILE A 246 9.34 7.38 -13.55
CA ILE A 246 10.71 7.01 -13.25
C ILE A 246 11.19 5.92 -14.20
N LYS A 247 12.50 5.84 -14.40
CA LYS A 247 13.04 5.00 -15.46
C LYS A 247 13.25 3.53 -15.08
N PRO A 248 13.79 3.28 -13.88
CA PRO A 248 14.10 1.89 -13.53
C PRO A 248 12.83 1.09 -13.44
N LYS A 249 12.93 -0.21 -13.68
CA LYS A 249 11.86 -1.12 -13.32
C LYS A 249 10.53 -0.79 -13.97
N GLN A 250 10.57 -0.31 -15.22
CA GLN A 250 9.35 -0.03 -15.99
CA GLN A 250 9.35 -0.05 -15.98
C GLN A 250 8.45 0.96 -15.28
N GLY A 251 9.03 1.78 -14.41
CA GLY A 251 8.29 2.85 -13.75
C GLY A 251 7.78 2.46 -12.38
N PHE A 252 8.01 1.21 -11.97
CA PHE A 252 7.58 0.75 -10.66
C PHE A 252 8.55 1.21 -9.61
N GLY A 253 8.03 1.71 -8.49
CA GLY A 253 8.88 2.23 -7.45
C GLY A 253 8.14 2.39 -6.14
N GLY A 254 8.89 2.62 -5.08
CA GLY A 254 8.32 2.75 -3.74
C GLY A 254 7.56 4.04 -3.59
N LEU A 255 6.38 3.96 -3.00
CA LEU A 255 5.57 5.17 -2.77
C LEU A 255 5.88 5.71 -1.39
N GLY A 256 6.01 7.02 -1.28
CA GLY A 256 6.17 7.67 0.01
C GLY A 256 5.17 8.80 0.06
N GLY A 257 5.07 9.45 1.21
CA GLY A 257 4.28 10.68 1.30
C GLY A 257 2.86 10.42 1.70
N ARG A 258 1.94 11.25 1.22
CA ARG A 258 0.54 11.20 1.66
CA ARG A 258 0.56 11.20 1.68
C ARG A 258 -0.11 9.86 1.40
N TYR A 259 0.33 9.19 0.33
CA TYR A 259 -0.19 7.88 -0.03
C TYR A 259 -0.09 6.87 1.11
N VAL A 260 0.94 7.01 1.94
CA VAL A 260 1.37 5.90 2.79
C VAL A 260 1.01 6.07 4.26
N LEU A 261 0.43 7.21 4.61
CA LEU A 261 0.25 7.54 6.03
C LEU A 261 -0.60 6.50 6.77
N PRO A 262 -1.79 6.17 6.26
CA PRO A 262 -2.56 5.15 6.99
C PRO A 262 -1.84 3.80 7.06
N THR A 263 -1.10 3.44 6.00
CA THR A 263 -0.33 2.21 6.04
C THR A 263 0.79 2.30 7.07
N ALA A 264 1.46 3.45 7.12
CA ALA A 264 2.51 3.66 8.11
C ALA A 264 1.90 3.59 9.51
N LEU A 265 0.80 4.30 9.75
CA LEU A 265 0.19 4.27 11.06
C LEU A 265 -0.20 2.84 11.44
N ALA A 266 -0.79 2.11 10.48
CA ALA A 266 -1.18 0.72 10.72
C ALA A 266 0.02 -0.06 11.20
N ASN A 267 1.13 0.08 10.48
CA ASN A 267 2.29 -0.72 10.81
C ASN A 267 2.93 -0.31 12.11
N ILE A 268 3.02 0.99 12.33
CA ILE A 268 3.55 1.51 13.58
C ILE A 268 2.75 0.91 14.71
N ASN A 269 1.43 1.00 14.58
CA ASN A 269 0.57 0.53 15.66
C ASN A 269 0.60 -0.98 15.79
N ALA A 270 0.60 -1.67 14.66
CA ALA A 270 0.57 -3.14 14.68
C ALA A 270 1.77 -3.66 15.44
N PHE A 271 2.94 -3.08 15.20
CA PHE A 271 4.15 -3.53 15.85
C PHE A 271 4.29 -2.93 17.22
N TYR A 272 3.77 -1.73 17.42
CA TYR A 272 3.72 -1.17 18.75
C TYR A 272 3.00 -2.15 19.69
N ARG A 273 1.88 -2.68 19.24
CA ARG A 273 1.09 -3.64 20.02
C ARG A 273 1.78 -4.98 20.16
N ARG A 274 2.35 -5.48 19.06
CA ARG A 274 2.88 -6.85 19.04
C ARG A 274 4.30 -6.98 19.54
N CYS A 275 5.02 -5.87 19.62
CA CYS A 275 6.40 -5.90 20.10
C CYS A 275 6.55 -4.94 21.27
N PRO A 276 5.87 -5.24 22.38
CA PRO A 276 5.85 -4.32 23.51
C PRO A 276 7.24 -4.14 24.12
N GLY A 277 8.15 -5.06 23.83
CA GLY A 277 9.51 -4.94 24.35
C GLY A 277 10.36 -3.98 23.52
N LYS A 278 9.80 -3.45 22.44
CA LYS A 278 10.61 -2.70 21.48
C LYS A 278 10.06 -1.31 21.25
N LEU A 279 10.94 -0.39 20.83
CA LEU A 279 10.49 0.91 20.37
C LEU A 279 10.05 0.83 18.91
N ILE A 280 9.09 1.68 18.54
CA ILE A 280 8.68 1.79 17.16
C ILE A 280 9.10 3.16 16.71
N PHE A 281 9.78 3.24 15.57
CA PHE A 281 10.00 4.54 14.95
C PHE A 281 9.02 4.62 13.81
N GLY A 282 8.34 5.74 13.69
CA GLY A 282 7.38 5.90 12.64
C GLY A 282 8.07 6.49 11.43
N CYS A 283 7.65 6.06 10.25
CA CYS A 283 8.14 6.66 9.01
C CYS A 283 7.08 6.49 7.97
N GLY A 284 6.69 7.59 7.32
CA GLY A 284 5.68 7.48 6.29
C GLY A 284 4.62 8.55 6.36
N GLY A 285 4.62 9.44 5.37
CA GLY A 285 3.54 10.38 5.23
C GLY A 285 3.57 11.57 6.18
N VAL A 286 4.69 11.82 6.83
CA VAL A 286 4.78 12.96 7.74
C VAL A 286 5.13 14.23 6.98
N TYR A 287 4.19 15.16 6.94
CA TYR A 287 4.45 16.46 6.34
C TYR A 287 4.23 17.55 7.36
N THR A 288 3.48 17.24 8.41
CA THR A 288 3.08 18.25 9.39
C THR A 288 3.26 17.73 10.81
N GLY A 289 3.30 18.64 11.76
CA GLY A 289 3.27 18.25 13.16
C GLY A 289 2.07 17.37 13.49
N GLU A 290 0.95 17.61 12.82
CA GLU A 290 -0.24 16.81 13.08
C GLU A 290 -0.02 15.36 12.61
N ASP A 291 0.60 15.19 11.44
CA ASP A 291 1.00 13.87 10.98
C ASP A 291 1.90 13.18 11.98
N ALA A 292 2.88 13.92 12.49
CA ALA A 292 3.79 13.40 13.48
C ALA A 292 3.00 12.97 14.73
N PHE A 293 2.06 13.81 15.13
CA PHE A 293 1.24 13.54 16.28
C PHE A 293 0.51 12.19 16.08
N LEU A 294 -0.04 11.99 14.89
CA LEU A 294 -0.64 10.71 14.52
C LEU A 294 0.34 9.54 14.66
N HIS A 295 1.56 9.71 14.17
CA HIS A 295 2.56 8.68 14.34
C HIS A 295 2.76 8.34 15.81
N VAL A 296 2.90 9.37 16.63
CA VAL A 296 3.20 9.13 18.03
C VAL A 296 1.99 8.49 18.71
N LEU A 297 0.81 8.95 18.36
CA LEU A 297 -0.42 8.35 18.89
C LEU A 297 -0.47 6.85 18.57
N ALA A 298 -0.03 6.52 17.35
CA ALA A 298 -0.03 5.14 16.90
C ALA A 298 1.01 4.32 17.65
N GLY A 299 2.00 4.99 18.22
CA GLY A 299 3.01 4.30 19.01
C GLY A 299 4.45 4.72 18.74
N ALA A 300 4.64 5.63 17.80
CA ALA A 300 5.99 6.03 17.39
C ALA A 300 6.76 6.74 18.50
N SER A 301 8.01 6.32 18.69
CA SER A 301 8.96 7.03 19.55
C SER A 301 9.72 8.10 18.77
N MET A 302 10.36 7.70 17.67
CA MET A 302 10.91 8.66 16.73
C MET A 302 10.01 8.74 15.52
N VAL A 303 10.09 9.87 14.83
CA VAL A 303 9.30 10.10 13.66
C VAL A 303 10.21 10.54 12.52
N GLN A 304 10.26 9.73 11.47
CA GLN A 304 11.15 9.96 10.37
C GLN A 304 10.40 10.62 9.25
N VAL A 305 11.10 11.46 8.51
CA VAL A 305 10.49 12.28 7.50
C VAL A 305 11.26 12.06 6.21
N GLY A 306 10.59 11.55 5.19
CA GLY A 306 11.25 11.29 3.91
C GLY A 306 10.79 12.28 2.87
N THR A 307 9.72 11.93 2.18
CA THR A 307 9.24 12.72 1.05
C THR A 307 9.18 14.21 1.38
N ALA A 308 8.54 14.56 2.50
CA ALA A 308 8.33 15.95 2.85
C ALA A 308 9.66 16.66 2.99
N LEU A 309 10.63 15.95 3.56
CA LEU A 309 11.96 16.47 3.76
C LEU A 309 12.66 16.62 2.41
N GLN A 310 12.49 15.64 1.54
CA GLN A 310 13.06 15.71 0.20
C GLN A 310 12.61 16.99 -0.50
N GLU A 311 11.34 17.32 -0.35
CA GLU A 311 10.77 18.47 -1.04
C GLU A 311 11.13 19.79 -0.36
N GLU A 312 11.31 19.77 0.94
CA GLU A 312 11.38 21.02 1.69
C GLU A 312 12.80 21.31 2.17
N GLY A 313 13.60 20.28 2.35
CA GLY A 313 14.92 20.45 2.91
C GLY A 313 14.91 20.48 4.43
N PRO A 314 16.10 20.45 5.04
CA PRO A 314 16.21 20.21 6.47
C PRO A 314 15.57 21.28 7.33
N SER A 315 15.20 22.42 6.74
CA SER A 315 14.51 23.47 7.47
C SER A 315 13.15 22.97 7.96
N ILE A 316 12.69 21.89 7.35
CA ILE A 316 11.40 21.32 7.68
C ILE A 316 11.33 20.96 9.16
N PHE A 317 12.46 20.65 9.75
CA PHE A 317 12.45 20.17 11.12
C PHE A 317 12.10 21.27 12.12
N GLU A 318 12.43 22.51 11.74
CA GLU A 318 12.05 23.65 12.57
C GLU A 318 10.54 23.81 12.51
N ARG A 319 9.98 23.66 11.32
CA ARG A 319 8.54 23.72 11.14
C ARG A 319 7.86 22.56 11.85
N LEU A 320 8.44 21.37 11.76
CA LEU A 320 7.78 20.19 12.32
C LEU A 320 7.76 20.24 13.83
N THR A 321 8.88 20.65 14.45
CA THR A 321 8.93 20.76 15.89
C THR A 321 7.91 21.78 16.34
N SER A 322 7.90 22.92 15.66
CA SER A 322 6.97 23.99 16.00
CA SER A 322 6.98 24.00 16.00
C SER A 322 5.54 23.51 15.86
N GLU A 323 5.24 22.86 14.74
CA GLU A 323 3.90 22.37 14.51
C GLU A 323 3.50 21.32 15.53
N LEU A 324 4.39 20.39 15.84
CA LEU A 324 4.03 19.33 16.77
C LEU A 324 3.78 19.93 18.16
N LEU A 325 4.65 20.85 18.55
CA LEU A 325 4.46 21.58 19.79
C LEU A 325 3.11 22.28 19.82
N GLY A 326 2.76 22.93 18.70
CA GLY A 326 1.48 23.62 18.57
C GLY A 326 0.31 22.68 18.69
N VAL A 327 0.39 21.52 18.03
CA VAL A 327 -0.65 20.51 18.14
C VAL A 327 -0.79 20.06 19.59
N MET A 328 0.35 19.79 20.23
CA MET A 328 0.31 19.39 21.64
C MET A 328 -0.25 20.48 22.56
N ALA A 329 0.12 21.72 22.31
CA ALA A 329 -0.44 22.86 23.05
C ALA A 329 -1.94 22.94 22.91
N LYS A 330 -2.45 22.90 21.67
CA LYS A 330 -3.89 22.94 21.46
C LYS A 330 -4.58 21.76 22.15
N LYS A 331 -3.85 20.66 22.34
CA LYS A 331 -4.47 19.47 22.89
C LYS A 331 -4.14 19.29 24.36
N ARG A 332 -3.30 20.18 24.88
CA ARG A 332 -2.92 20.19 26.27
C ARG A 332 -2.06 18.99 26.68
N TYR A 333 -1.18 18.57 25.77
CA TYR A 333 -0.15 17.59 26.08
C TYR A 333 1.16 18.30 26.33
N GLN A 334 1.93 17.84 27.31
CA GLN A 334 3.20 18.47 27.61
C GLN A 334 4.38 17.62 27.17
N THR A 335 4.17 16.31 27.17
CA THR A 335 5.22 15.40 26.72
C THR A 335 4.64 14.37 25.75
N LEU A 336 5.54 13.77 24.96
CA LEU A 336 5.14 12.76 24.01
C LEU A 336 4.64 11.51 24.72
N ASP A 337 5.24 11.18 25.85
CA ASP A 337 4.82 10.04 26.67
C ASP A 337 3.33 10.10 26.99
N GLU A 338 2.75 11.29 26.98
CA GLU A 338 1.39 11.45 27.44
C GLU A 338 0.39 10.84 26.48
N PHE A 339 0.77 10.71 25.21
CA PHE A 339 -0.17 10.17 24.23
C PHE A 339 0.44 9.12 23.31
N ARG A 340 1.73 8.85 23.42
CA ARG A 340 2.34 7.86 22.55
C ARG A 340 1.59 6.52 22.68
N GLY A 341 1.13 5.99 21.56
CA GLY A 341 0.51 4.66 21.58
C GLY A 341 -0.90 4.68 22.14
N LYS A 342 -1.42 5.86 22.43
CA LYS A 342 -2.73 5.97 23.10
C LYS A 342 -3.89 6.22 22.15
N VAL A 343 -3.68 5.94 20.88
CA VAL A 343 -4.77 6.02 19.93
C VAL A 343 -5.95 5.23 20.45
N ARG A 344 -7.13 5.85 20.39
CA ARG A 344 -8.31 5.22 20.97
C ARG A 344 -9.00 4.36 19.93
N THR A 345 -9.27 3.11 20.27
CA THR A 345 -10.12 2.28 19.42
C THR A 345 -11.58 2.37 19.84
N LEU A 346 -12.47 1.96 18.94
CA LEU A 346 -13.90 2.07 19.17
C LEU A 346 -14.51 0.72 19.56
N GLY B 33 -13.40 12.63 -34.37
CA GLY B 33 -14.85 12.79 -34.06
C GLY B 33 -15.44 11.58 -33.36
N SER B 34 -15.45 10.43 -34.03
CA SER B 34 -16.23 9.28 -33.59
C SER B 34 -15.48 8.40 -32.56
N MET B 35 -15.95 8.42 -31.32
CA MET B 35 -15.27 7.73 -30.24
C MET B 35 -16.19 6.69 -29.62
N SER B 36 -15.59 5.71 -28.97
CA SER B 36 -16.38 4.67 -28.33
C SER B 36 -15.68 4.19 -27.09
N LEU B 37 -16.44 4.06 -26.01
CA LEU B 37 -15.94 3.48 -24.77
C LEU B 37 -16.27 2.00 -24.75
N GLN B 38 -16.72 1.50 -25.90
CA GLN B 38 -17.12 0.11 -25.96
C GLN B 38 -15.99 -0.82 -25.54
N VAL B 39 -16.35 -1.84 -24.79
CA VAL B 39 -15.42 -2.88 -24.44
C VAL B 39 -16.05 -4.20 -24.83
N ASN B 40 -15.24 -5.10 -25.38
CA ASN B 40 -15.72 -6.40 -25.76
C ASN B 40 -14.90 -7.49 -25.12
N LEU B 41 -15.53 -8.30 -24.28
CA LEU B 41 -14.83 -9.37 -23.61
C LEU B 41 -15.83 -10.41 -23.15
N LEU B 42 -15.36 -11.65 -23.01
CA LEU B 42 -16.20 -12.76 -22.59
C LEU B 42 -17.54 -12.83 -23.31
N ASN B 43 -17.50 -12.70 -24.63
CA ASN B 43 -18.71 -12.80 -25.44
C ASN B 43 -19.75 -11.77 -25.05
N ASN B 44 -19.29 -10.66 -24.48
CA ASN B 44 -20.21 -9.58 -24.17
C ASN B 44 -19.74 -8.30 -24.75
N THR B 45 -20.68 -7.39 -24.97
CA THR B 45 -20.36 -6.02 -25.34
C THR B 45 -20.74 -5.12 -24.17
N PHE B 46 -19.83 -4.24 -23.80
CA PHE B 46 -20.10 -3.32 -22.72
C PHE B 46 -20.05 -1.95 -23.32
N ALA B 47 -21.05 -1.15 -23.01
CA ALA B 47 -21.16 0.18 -23.56
C ALA B 47 -19.96 1.00 -23.15
N ASN B 48 -19.43 0.74 -21.96
CA ASN B 48 -18.26 1.44 -21.50
C ASN B 48 -17.56 0.61 -20.43
N PRO B 49 -16.33 0.98 -20.05
CA PRO B 49 -15.59 0.07 -19.17
C PRO B 49 -15.99 0.18 -17.70
N PHE B 50 -16.82 1.14 -17.36
CA PHE B 50 -17.08 1.43 -15.96
C PHE B 50 -18.06 0.47 -15.32
N MET B 51 -17.77 0.15 -14.07
CA MET B 51 -18.70 -0.59 -13.26
C MET B 51 -18.39 -0.25 -11.82
N ASN B 52 -19.29 -0.64 -10.91
CA ASN B 52 -19.00 -0.51 -9.50
C ASN B 52 -17.92 -1.52 -9.13
N ALA B 53 -17.15 -1.22 -8.09
CA ALA B 53 -16.29 -2.20 -7.47
C ALA B 53 -17.17 -3.08 -6.60
N ALA B 54 -16.84 -4.36 -6.52
CA ALA B 54 -17.67 -5.25 -5.74
C ALA B 54 -17.78 -4.68 -4.32
N GLY B 55 -18.97 -4.77 -3.77
CA GLY B 55 -19.15 -4.35 -2.39
C GLY B 55 -19.58 -2.90 -2.28
N VAL B 56 -19.39 -2.12 -3.34
CA VAL B 56 -19.87 -0.74 -3.28
C VAL B 56 -21.20 -0.64 -4.02
N MET B 57 -22.23 -0.23 -3.28
CA MET B 57 -23.54 0.05 -3.88
C MET B 57 -24.06 -1.09 -4.74
N CYS B 58 -24.08 -2.28 -4.17
CA CYS B 58 -24.46 -3.44 -4.96
C CYS B 58 -24.92 -4.56 -4.05
N THR B 59 -25.38 -4.22 -2.86
CA THR B 59 -25.70 -5.24 -1.88
C THR B 59 -27.19 -5.61 -1.94
N THR B 60 -28.03 -4.60 -2.11
CA THR B 60 -29.47 -4.78 -2.04
C THR B 60 -30.07 -4.78 -3.43
N THR B 61 -31.28 -5.30 -3.54
CA THR B 61 -31.98 -5.25 -4.80
C THR B 61 -31.97 -3.82 -5.33
N GLU B 62 -32.32 -2.88 -4.48
CA GLU B 62 -32.40 -1.49 -4.87
CA GLU B 62 -32.41 -1.49 -4.90
C GLU B 62 -31.08 -1.01 -5.50
N GLU B 63 -29.97 -1.39 -4.87
CA GLU B 63 -28.67 -0.95 -5.35
C GLU B 63 -28.36 -1.58 -6.69
N LEU B 64 -28.69 -2.85 -6.84
CA LEU B 64 -28.38 -3.56 -8.06
C LEU B 64 -29.19 -2.97 -9.19
N VAL B 65 -30.46 -2.67 -8.90
CA VAL B 65 -31.29 -2.01 -9.88
C VAL B 65 -30.74 -0.65 -10.27
N ALA B 66 -30.35 0.15 -9.29
CA ALA B 66 -29.77 1.47 -9.56
C ALA B 66 -28.49 1.37 -10.39
N MET B 67 -27.67 0.35 -10.12
CA MET B 67 -26.45 0.14 -10.90
C MET B 67 -26.79 -0.25 -12.32
N THR B 68 -27.82 -1.07 -12.46
CA THR B 68 -28.29 -1.48 -13.77
C THR B 68 -28.89 -0.30 -14.54
N GLU B 69 -29.63 0.56 -13.85
CA GLU B 69 -30.23 1.74 -14.48
CA GLU B 69 -30.22 1.74 -14.48
C GLU B 69 -29.20 2.84 -14.74
N SER B 70 -28.03 2.75 -14.08
CA SER B 70 -26.99 3.75 -14.22
C SER B 70 -26.34 3.72 -15.61
N ALA B 71 -25.50 4.71 -15.89
CA ALA B 71 -24.76 4.76 -17.15
C ALA B 71 -23.57 3.79 -17.18
N SER B 72 -23.35 3.04 -16.09
CA SER B 72 -22.22 2.11 -16.04
C SER B 72 -22.27 1.08 -17.17
N GLY B 73 -21.10 0.67 -17.64
CA GLY B 73 -21.03 -0.40 -18.61
C GLY B 73 -21.43 -1.74 -18.02
N SER B 74 -21.23 -1.88 -16.71
CA SER B 74 -21.60 -3.12 -16.06
C SER B 74 -21.78 -2.91 -14.58
N LEU B 75 -21.95 -4.02 -13.88
CA LEU B 75 -22.07 -3.98 -12.44
C LEU B 75 -21.67 -5.33 -11.89
N VAL B 76 -21.26 -5.32 -10.64
CA VAL B 76 -20.95 -6.56 -9.94
C VAL B 76 -21.66 -6.52 -8.58
N SER B 77 -22.25 -7.64 -8.20
CA SER B 77 -23.00 -7.71 -6.95
C SER B 77 -22.04 -7.82 -5.79
N LYS B 78 -22.47 -7.40 -4.59
CA LYS B 78 -21.65 -7.54 -3.40
C LYS B 78 -21.10 -8.94 -3.23
N SER B 79 -19.82 -9.04 -2.86
CA SER B 79 -19.21 -10.34 -2.66
C SER B 79 -20.07 -11.15 -1.70
N CYS B 80 -20.44 -12.36 -2.11
CA CYS B 80 -21.41 -13.10 -1.33
C CYS B 80 -20.80 -14.29 -0.63
N THR B 81 -21.43 -14.65 0.48
CA THR B 81 -21.16 -15.85 1.21
C THR B 81 -22.42 -16.70 1.08
N PRO B 82 -22.31 -18.00 1.43
CA PRO B 82 -23.44 -18.88 1.16
C PRO B 82 -24.71 -18.40 1.84
N ALA B 83 -24.56 -17.82 3.02
CA ALA B 83 -25.69 -17.33 3.80
C ALA B 83 -25.51 -15.84 4.05
N LEU B 84 -26.61 -15.13 4.26
CA LEU B 84 -26.51 -13.71 4.54
C LEU B 84 -25.54 -13.50 5.70
N ARG B 85 -24.90 -12.33 5.72
CA ARG B 85 -24.02 -11.93 6.82
C ARG B 85 -24.36 -10.51 7.16
N GLU B 86 -24.46 -10.18 8.44
CA GLU B 86 -24.72 -8.78 8.80
C GLU B 86 -23.45 -7.94 8.69
N GLY B 87 -22.31 -8.62 8.67
CA GLY B 87 -21.02 -7.92 8.58
C GLY B 87 -20.61 -7.36 9.92
N ASN B 88 -19.62 -6.46 9.91
CA ASN B 88 -18.98 -6.02 11.14
C ASN B 88 -19.78 -4.91 11.83
N PRO B 89 -19.53 -4.69 13.11
CA PRO B 89 -20.20 -3.57 13.78
C PRO B 89 -19.79 -2.23 13.17
N THR B 90 -20.69 -1.27 13.21
CA THR B 90 -20.44 0.06 12.66
C THR B 90 -19.85 0.97 13.73
N PRO B 91 -19.13 2.03 13.33
CA PRO B 91 -18.84 2.41 11.94
C PRO B 91 -17.81 1.46 11.35
N ARG B 92 -18.03 1.07 10.11
CA ARG B 92 -17.14 0.11 9.47
C ARG B 92 -16.69 0.66 8.13
N TYR B 93 -17.12 1.87 7.82
CA TYR B 93 -16.65 2.55 6.63
C TYR B 93 -16.47 4.00 6.98
N GLN B 94 -15.40 4.60 6.49
CA GLN B 94 -15.24 6.04 6.64
C GLN B 94 -14.68 6.61 5.35
N ALA B 95 -15.40 7.54 4.74
CA ALA B 95 -14.87 8.33 3.63
C ALA B 95 -13.79 9.26 4.15
N LEU B 96 -12.75 9.48 3.36
CA LEU B 96 -11.63 10.31 3.78
C LEU B 96 -11.25 11.30 2.68
N PRO B 97 -10.56 12.38 3.05
CA PRO B 97 -10.11 13.29 2.00
C PRO B 97 -9.40 12.52 0.88
N LEU B 98 -8.61 11.51 1.24
CA LEU B 98 -7.82 10.83 0.22
C LEU B 98 -8.35 9.46 -0.12
N GLY B 99 -9.56 9.15 0.32
CA GLY B 99 -10.16 7.88 -0.06
C GLY B 99 -11.13 7.36 0.95
N SER B 100 -10.90 6.13 1.40
CA SER B 100 -11.82 5.49 2.33
C SER B 100 -11.06 4.41 3.07
N ILE B 101 -11.60 4.03 4.21
CA ILE B 101 -11.13 2.87 4.91
C ILE B 101 -12.38 2.11 5.29
N ASN B 102 -12.32 0.80 5.19
CA ASN B 102 -13.47 0.00 5.55
C ASN B 102 -13.04 -1.31 6.15
N SER B 103 -13.91 -1.82 7.01
CA SER B 103 -13.88 -3.21 7.39
C SER B 103 -15.32 -3.65 7.43
N MET B 104 -15.95 -3.76 6.27
CA MET B 104 -17.39 -4.07 6.23
C MET B 104 -17.66 -5.44 6.82
N GLY B 105 -16.75 -6.38 6.55
CA GLY B 105 -16.90 -7.76 7.03
C GLY B 105 -17.86 -8.61 6.22
N LEU B 106 -17.91 -8.38 4.91
CA LEU B 106 -18.77 -9.13 4.00
C LEU B 106 -20.25 -9.12 4.36
N PRO B 107 -20.80 -7.96 4.74
CA PRO B 107 -22.26 -7.94 4.90
C PRO B 107 -22.84 -8.13 3.50
N ASN B 108 -23.76 -9.08 3.37
CA ASN B 108 -24.31 -9.41 2.06
C ASN B 108 -25.53 -10.27 2.28
N ASN B 109 -26.39 -10.34 1.27
CA ASN B 109 -27.67 -10.99 1.41
C ASN B 109 -27.58 -12.48 1.22
N GLY B 110 -26.38 -12.98 0.96
CA GLY B 110 -26.19 -14.41 0.78
C GLY B 110 -26.29 -14.77 -0.67
N PHE B 111 -25.66 -15.87 -1.03
CA PHE B 111 -25.53 -16.30 -2.41
C PHE B 111 -26.88 -16.48 -3.07
N ASP B 112 -27.82 -17.15 -2.38
CA ASP B 112 -29.13 -17.38 -2.98
C ASP B 112 -29.67 -16.07 -3.53
N PHE B 113 -29.51 -15.00 -2.75
CA PHE B 113 -30.09 -13.71 -3.14
C PHE B 113 -29.47 -13.18 -4.44
N TYR B 114 -28.14 -13.26 -4.53
CA TYR B 114 -27.45 -12.75 -5.71
C TYR B 114 -27.62 -13.69 -6.88
N LEU B 115 -27.73 -14.99 -6.58
CA LEU B 115 -28.04 -15.95 -7.62
C LEU B 115 -29.41 -15.63 -8.21
N ALA B 116 -30.39 -15.41 -7.34
CA ALA B 116 -31.76 -15.11 -7.79
C ALA B 116 -31.80 -13.82 -8.59
N TYR B 117 -31.02 -12.83 -8.15
CA TYR B 117 -31.00 -11.59 -8.87
C TYR B 117 -30.48 -11.88 -10.28
N ALA B 118 -29.40 -12.65 -10.38
CA ALA B 118 -28.79 -12.94 -11.67
C ALA B 118 -29.71 -13.80 -12.53
N ALA B 119 -30.39 -14.75 -11.89
CA ALA B 119 -31.21 -15.73 -12.62
C ALA B 119 -32.55 -15.13 -13.07
N GLU B 120 -33.13 -14.29 -12.22
CA GLU B 120 -34.54 -13.97 -12.37
C GLU B 120 -34.81 -12.47 -12.58
N GLN B 121 -33.94 -11.62 -12.04
CA GLN B 121 -34.27 -10.19 -12.03
C GLN B 121 -33.44 -9.31 -12.94
N HIS B 122 -32.15 -9.64 -13.09
CA HIS B 122 -31.28 -8.70 -13.76
C HIS B 122 -31.67 -8.55 -15.23
N ASP B 123 -31.67 -7.32 -15.71
CA ASP B 123 -31.95 -7.06 -17.13
C ASP B 123 -30.66 -7.10 -17.96
N TYR B 124 -30.35 -8.26 -18.52
CA TYR B 124 -29.11 -8.43 -19.26
C TYR B 124 -29.17 -7.61 -20.53
N GLY B 125 -30.39 -7.24 -20.92
CA GLY B 125 -30.59 -6.34 -22.05
C GLY B 125 -29.96 -4.99 -21.81
N LYS B 126 -29.90 -4.57 -20.54
CA LYS B 126 -29.31 -3.28 -20.18
C LYS B 126 -27.78 -3.35 -20.12
N LYS B 127 -27.25 -4.31 -19.38
CA LYS B 127 -25.79 -4.48 -19.33
C LYS B 127 -25.45 -5.85 -18.74
N PRO B 128 -24.24 -6.36 -19.04
CA PRO B 128 -23.84 -7.62 -18.46
C PRO B 128 -23.73 -7.49 -16.94
N LEU B 129 -23.73 -8.62 -16.26
CA LEU B 129 -23.73 -8.65 -14.80
C LEU B 129 -22.60 -9.53 -14.31
N PHE B 130 -21.83 -9.04 -13.35
CA PHE B 130 -20.85 -9.87 -12.65
C PHE B 130 -21.38 -10.17 -11.26
N LEU B 131 -21.08 -11.37 -10.80
CA LEU B 131 -21.51 -11.76 -9.49
C LEU B 131 -20.24 -11.99 -8.70
N SER B 132 -20.04 -11.23 -7.64
CA SER B 132 -18.84 -11.43 -6.84
C SER B 132 -19.10 -12.47 -5.77
N MET B 133 -18.16 -13.39 -5.64
CA MET B 133 -18.30 -14.49 -4.71
C MET B 133 -17.14 -14.46 -3.73
N SER B 134 -17.44 -14.52 -2.45
CA SER B 134 -16.37 -14.57 -1.47
C SER B 134 -16.66 -15.57 -0.37
N GLY B 135 -16.70 -16.84 -0.73
CA GLY B 135 -16.89 -17.89 0.27
C GLY B 135 -15.83 -17.75 1.32
N LEU B 136 -16.15 -18.12 2.55
CA LEU B 136 -15.18 -18.06 3.66
C LEU B 136 -14.29 -19.29 3.68
N SER B 137 -14.57 -20.22 2.79
CA SER B 137 -13.70 -21.37 2.62
C SER B 137 -13.77 -21.81 1.19
N MET B 138 -12.78 -22.58 0.77
CA MET B 138 -12.76 -23.15 -0.57
C MET B 138 -14.04 -23.93 -0.83
N ARG B 139 -14.42 -24.74 0.15
CA ARG B 139 -15.61 -25.57 0.04
C ARG B 139 -16.84 -24.72 -0.25
N GLU B 140 -16.94 -23.58 0.41
CA GLU B 140 -18.09 -22.70 0.19
C GLU B 140 -18.11 -22.16 -1.24
N ASN B 141 -16.94 -21.78 -1.75
CA ASN B 141 -16.85 -21.34 -3.13
C ASN B 141 -17.24 -22.44 -4.08
N VAL B 142 -16.75 -23.64 -3.82
CA VAL B 142 -17.05 -24.77 -4.69
C VAL B 142 -18.55 -24.99 -4.73
N GLU B 143 -19.18 -25.00 -3.55
CA GLU B 143 -20.60 -25.25 -3.48
C GLU B 143 -21.43 -24.14 -4.12
N MET B 144 -21.01 -22.90 -3.96
CA MET B 144 -21.70 -21.82 -4.65
C MET B 144 -21.48 -21.91 -6.17
N CYS B 145 -20.26 -22.18 -6.59
CA CYS B 145 -20.00 -22.27 -8.03
C CYS B 145 -20.80 -23.39 -8.69
N LYS B 146 -20.91 -24.53 -8.01
CA LYS B 146 -21.74 -25.61 -8.49
C LYS B 146 -23.12 -25.07 -8.86
N ARG B 147 -23.70 -24.24 -8.00
CA ARG B 147 -25.03 -23.71 -8.26
C ARG B 147 -25.03 -22.54 -9.24
N LEU B 148 -23.95 -21.75 -9.23
CA LEU B 148 -23.87 -20.62 -10.15
C LEU B 148 -23.77 -21.10 -11.60
N ALA B 149 -23.14 -22.26 -11.80
CA ALA B 149 -22.86 -22.73 -13.16
C ALA B 149 -24.09 -22.62 -14.05
N ALA B 150 -25.21 -23.16 -13.57
CA ALA B 150 -26.41 -23.23 -14.40
C ALA B 150 -26.90 -21.84 -14.74
N VAL B 151 -26.87 -20.96 -13.76
CA VAL B 151 -27.27 -19.59 -14.01
C VAL B 151 -26.34 -18.87 -14.99
N ALA B 152 -25.03 -19.09 -14.84
CA ALA B 152 -24.07 -18.52 -15.80
C ALA B 152 -24.40 -19.00 -17.21
N THR B 153 -24.68 -20.30 -17.33
CA THR B 153 -25.02 -20.88 -18.62
C THR B 153 -26.27 -20.24 -19.19
N GLU B 154 -27.30 -20.15 -18.35
CA GLU B 154 -28.62 -19.75 -18.81
C GLU B 154 -28.75 -18.24 -19.03
N LYS B 155 -28.15 -17.46 -18.14
CA LYS B 155 -28.39 -16.01 -18.14
C LYS B 155 -27.14 -15.21 -18.51
N GLY B 156 -25.97 -15.82 -18.34
CA GLY B 156 -24.72 -15.17 -18.77
C GLY B 156 -24.04 -14.32 -17.71
N VAL B 157 -24.55 -14.36 -16.48
CA VAL B 157 -23.84 -13.79 -15.33
C VAL B 157 -22.41 -14.29 -15.27
N ILE B 158 -21.48 -13.39 -14.92
CA ILE B 158 -20.06 -13.73 -14.95
C ILE B 158 -19.53 -13.67 -13.54
N LEU B 159 -18.83 -14.73 -13.15
CA LEU B 159 -18.26 -14.80 -11.81
C LEU B 159 -17.01 -13.93 -11.66
N GLU B 160 -17.01 -13.06 -10.65
CA GLU B 160 -15.76 -12.52 -10.16
C GLU B 160 -15.49 -13.17 -8.82
N LEU B 161 -14.51 -14.05 -8.79
CA LEU B 161 -14.16 -14.74 -7.58
C LEU B 161 -13.20 -13.87 -6.76
N ASN B 162 -13.68 -13.49 -5.58
CA ASN B 162 -12.91 -12.67 -4.70
C ASN B 162 -11.88 -13.50 -3.95
N LEU B 163 -10.60 -13.36 -4.34
CA LEU B 163 -9.53 -14.11 -3.69
C LEU B 163 -8.87 -13.26 -2.59
N SER B 164 -9.40 -12.07 -2.39
CA SER B 164 -8.80 -11.09 -1.48
C SER B 164 -9.71 -10.84 -0.27
N GLN B 173 -5.30 -14.03 4.00
CA GLN B 173 -6.31 -14.14 2.95
C GLN B 173 -5.76 -14.94 1.76
N VAL B 174 -6.66 -15.49 0.96
CA VAL B 174 -6.32 -16.50 -0.03
C VAL B 174 -5.20 -16.04 -0.97
N ALA B 175 -5.34 -14.81 -1.47
CA ALA B 175 -4.45 -14.30 -2.51
C ALA B 175 -3.03 -14.01 -2.01
N TYR B 176 -2.87 -13.93 -0.69
CA TYR B 176 -1.54 -13.78 -0.12
C TYR B 176 -0.96 -15.14 0.30
N ASP B 177 -1.65 -16.20 -0.08
CA ASP B 177 -1.18 -17.56 0.16
C ASP B 177 -1.25 -18.35 -1.14
N PHE B 178 -0.14 -18.39 -1.88
CA PHE B 178 -0.18 -18.91 -3.24
C PHE B 178 -0.62 -20.37 -3.38
N ASP B 179 -0.27 -21.21 -2.41
CA ASP B 179 -0.68 -22.61 -2.43
C ASP B 179 -2.19 -22.71 -2.32
N ALA B 180 -2.74 -21.95 -1.39
CA ALA B 180 -4.18 -21.94 -1.17
C ALA B 180 -4.87 -21.41 -2.41
N MET B 181 -4.24 -20.43 -3.05
CA MET B 181 -4.84 -19.80 -4.21
C MET B 181 -4.96 -20.80 -5.34
N ARG B 182 -3.86 -21.49 -5.66
CA ARG B 182 -3.89 -22.49 -6.72
C ARG B 182 -4.92 -23.56 -6.38
N GLN B 183 -4.89 -23.99 -5.13
CA GLN B 183 -5.81 -24.99 -4.65
C GLN B 183 -7.25 -24.49 -4.89
N CYS B 184 -7.50 -23.26 -4.49
CA CYS B 184 -8.84 -22.73 -4.64
C CYS B 184 -9.27 -22.70 -6.11
N LEU B 185 -8.37 -22.23 -6.98
CA LEU B 185 -8.70 -22.11 -8.39
C LEU B 185 -8.88 -23.48 -9.01
N THR B 186 -8.12 -24.44 -8.53
CA THR B 186 -8.31 -25.81 -8.99
C THR B 186 -9.71 -26.30 -8.62
N ALA B 187 -10.07 -26.15 -7.35
CA ALA B 187 -11.36 -26.60 -6.86
C ALA B 187 -12.52 -25.95 -7.62
N VAL B 188 -12.46 -24.64 -7.76
CA VAL B 188 -13.49 -23.92 -8.51
C VAL B 188 -13.50 -24.34 -9.98
N SER B 189 -12.33 -24.41 -10.60
CA SER B 189 -12.26 -24.75 -12.02
C SER B 189 -12.89 -26.12 -12.28
N GLU B 190 -12.74 -27.04 -11.33
CA GLU B 190 -13.26 -28.40 -11.45
C GLU B 190 -14.76 -28.41 -11.60
N VAL B 191 -15.45 -27.50 -10.92
CA VAL B 191 -16.89 -27.60 -10.81
C VAL B 191 -17.60 -26.49 -11.56
N TYR B 192 -16.83 -25.52 -12.05
CA TYR B 192 -17.42 -24.36 -12.68
C TYR B 192 -17.01 -24.31 -14.15
N PRO B 193 -17.90 -24.75 -15.06
CA PRO B 193 -17.54 -24.90 -16.46
C PRO B 193 -17.73 -23.60 -17.22
N HIS B 194 -17.15 -22.52 -16.70
CA HIS B 194 -17.26 -21.23 -17.36
C HIS B 194 -15.99 -20.45 -17.09
N SER B 195 -15.74 -19.46 -17.94
CA SER B 195 -14.72 -18.48 -17.67
CA SER B 195 -14.71 -18.50 -17.65
C SER B 195 -15.14 -17.70 -16.44
N PHE B 196 -14.17 -17.18 -15.69
CA PHE B 196 -14.48 -16.28 -14.61
C PHE B 196 -13.25 -15.41 -14.39
N GLY B 197 -13.38 -14.49 -13.44
CA GLY B 197 -12.28 -13.65 -13.08
C GLY B 197 -12.02 -13.74 -11.60
N VAL B 198 -10.87 -13.22 -11.21
CA VAL B 198 -10.50 -13.19 -9.82
C VAL B 198 -10.23 -11.77 -9.39
N LYS B 199 -10.70 -11.43 -8.19
CA LYS B 199 -10.43 -10.15 -7.63
C LYS B 199 -9.21 -10.32 -6.72
N MET B 200 -8.15 -9.59 -7.02
CA MET B 200 -6.88 -9.79 -6.35
C MET B 200 -6.60 -8.69 -5.34
N PRO B 201 -5.92 -9.04 -4.26
CA PRO B 201 -5.42 -7.99 -3.41
C PRO B 201 -4.20 -7.40 -4.10
N PRO B 202 -3.78 -6.20 -3.70
CA PRO B 202 -2.57 -5.69 -4.32
C PRO B 202 -1.34 -6.50 -3.86
N TYR B 203 -0.38 -6.64 -4.77
CA TYR B 203 0.96 -7.05 -4.40
C TYR B 203 1.92 -5.90 -4.51
N PHE B 204 3.08 -6.08 -3.91
CA PHE B 204 4.01 -4.99 -3.68
C PHE B 204 5.44 -5.31 -4.08
N ASP B 205 5.64 -6.41 -4.78
CA ASP B 205 6.96 -6.69 -5.33
C ASP B 205 6.88 -7.65 -6.49
N PHE B 206 7.91 -7.66 -7.33
CA PHE B 206 7.87 -8.42 -8.57
C PHE B 206 7.83 -9.90 -8.31
N ALA B 207 8.44 -10.34 -7.21
CA ALA B 207 8.43 -11.76 -6.91
C ALA B 207 6.98 -12.19 -6.71
N HIS B 208 6.19 -11.35 -6.04
CA HIS B 208 4.80 -11.66 -5.85
C HIS B 208 3.98 -11.49 -7.11
N PHE B 209 4.27 -10.46 -7.91
CA PHE B 209 3.60 -10.35 -9.20
C PHE B 209 3.84 -11.63 -10.00
N ASP B 210 5.10 -12.05 -10.06
CA ASP B 210 5.46 -13.25 -10.83
C ASP B 210 4.77 -14.49 -10.30
N ALA B 211 4.81 -14.67 -8.98
CA ALA B 211 4.25 -15.85 -8.38
C ALA B 211 2.73 -15.92 -8.57
N ALA B 212 2.05 -14.78 -8.38
CA ALA B 212 0.61 -14.71 -8.58
C ALA B 212 0.25 -14.97 -10.04
N ALA B 213 0.93 -14.29 -10.94
CA ALA B 213 0.64 -14.44 -12.37
C ALA B 213 0.86 -15.88 -12.79
N GLU B 214 1.89 -16.51 -12.25
CA GLU B 214 2.21 -17.88 -12.62
C GLU B 214 1.05 -18.78 -12.25
N ILE B 215 0.49 -18.59 -11.05
CA ILE B 215 -0.65 -19.39 -10.64
C ILE B 215 -1.85 -19.10 -11.55
N LEU B 216 -2.15 -17.82 -11.75
CA LEU B 216 -3.35 -17.47 -12.49
C LEU B 216 -3.24 -18.00 -13.91
N ASN B 217 -2.04 -17.92 -14.46
CA ASN B 217 -1.74 -18.49 -15.78
C ASN B 217 -1.90 -20.00 -15.86
N GLU B 218 -1.97 -20.68 -14.72
CA GLU B 218 -2.27 -22.12 -14.75
C GLU B 218 -3.73 -22.39 -15.06
N PHE B 219 -4.56 -21.34 -15.00
CA PHE B 219 -6.00 -21.54 -15.08
C PHE B 219 -6.61 -20.77 -16.23
N PRO B 220 -6.84 -21.45 -17.36
CA PRO B 220 -7.38 -20.82 -18.55
C PRO B 220 -8.76 -20.22 -18.28
N LYS B 221 -9.53 -20.83 -17.40
CA LYS B 221 -10.84 -20.29 -17.05
C LYS B 221 -10.78 -18.91 -16.42
N VAL B 222 -9.66 -18.59 -15.79
CA VAL B 222 -9.52 -17.26 -15.21
C VAL B 222 -9.20 -16.35 -16.37
N GLN B 223 -10.23 -15.70 -16.87
CA GLN B 223 -10.09 -14.91 -18.09
C GLN B 223 -9.90 -13.45 -17.78
N PHE B 224 -10.23 -13.05 -16.55
CA PHE B 224 -9.90 -11.69 -16.15
C PHE B 224 -9.43 -11.66 -14.71
N ILE B 225 -8.66 -10.60 -14.41
CA ILE B 225 -8.07 -10.40 -13.11
C ILE B 225 -8.45 -8.99 -12.72
N THR B 226 -9.10 -8.85 -11.57
CA THR B 226 -9.44 -7.52 -11.11
C THR B 226 -8.39 -7.05 -10.11
N CYS B 227 -7.69 -6.00 -10.50
CA CYS B 227 -6.67 -5.38 -9.64
C CYS B 227 -7.16 -3.97 -9.37
N ILE B 228 -7.47 -3.62 -8.13
CA ILE B 228 -7.09 -4.38 -6.94
C ILE B 228 -8.20 -4.27 -5.91
N ASN B 229 -8.19 -5.18 -4.96
CA ASN B 229 -8.97 -5.01 -3.76
C ASN B 229 -8.30 -3.90 -2.97
N SER B 230 -8.85 -3.53 -1.84
CA SER B 230 -8.31 -2.41 -1.13
C SER B 230 -6.89 -2.72 -0.64
N ILE B 231 -6.11 -1.68 -0.39
CA ILE B 231 -4.84 -1.87 0.30
C ILE B 231 -5.17 -2.23 1.75
N GLY B 232 -4.73 -3.41 2.15
CA GLY B 232 -5.24 -4.05 3.34
C GLY B 232 -4.77 -3.38 4.61
N ASN B 233 -5.68 -3.32 5.58
CA ASN B 233 -5.29 -2.98 6.93
C ASN B 233 -4.43 -1.73 7.08
N GLY B 234 -4.85 -0.65 6.43
CA GLY B 234 -4.39 0.67 6.80
C GLY B 234 -5.03 1.02 8.14
N LEU B 235 -4.59 2.11 8.73
CA LEU B 235 -5.11 2.51 10.03
C LEU B 235 -5.27 4.01 10.00
N VAL B 236 -6.51 4.45 9.92
CA VAL B 236 -6.76 5.85 9.89
C VAL B 236 -7.01 6.32 11.31
N ILE B 237 -6.30 7.37 11.68
CA ILE B 237 -6.46 7.95 12.97
C ILE B 237 -6.88 9.39 12.76
N ASP B 238 -7.94 9.77 13.45
CA ASP B 238 -8.47 11.12 13.38
C ASP B 238 -7.72 11.95 14.44
N ALA B 239 -6.94 12.92 14.01
CA ALA B 239 -6.11 13.68 14.95
C ALA B 239 -6.94 14.43 16.00
N GLU B 240 -8.14 14.86 15.61
CA GLU B 240 -9.00 15.60 16.54
C GLU B 240 -9.49 14.70 17.68
N THR B 241 -10.03 13.54 17.33
CA THR B 241 -10.56 12.61 18.32
C THR B 241 -9.50 11.70 18.91
N GLU B 242 -8.30 11.72 18.33
CA GLU B 242 -7.23 10.83 18.78
C GLU B 242 -7.68 9.39 18.81
N SER B 243 -8.49 9.02 17.82
CA SER B 243 -9.02 7.68 17.76
C SER B 243 -8.96 7.22 16.33
N VAL B 244 -9.13 5.93 16.17
CA VAL B 244 -9.35 5.33 14.86
C VAL B 244 -10.75 5.72 14.41
N VAL B 245 -11.13 5.36 13.20
CA VAL B 245 -12.38 5.89 12.66
C VAL B 245 -13.35 4.79 12.33
N ILE B 246 -12.90 3.55 12.48
CA ILE B 246 -13.81 2.43 12.30
C ILE B 246 -13.65 1.46 13.46
N LYS B 247 -14.70 0.73 13.72
CA LYS B 247 -14.80 0.00 14.96
C LYS B 247 -14.12 -1.36 14.90
N PRO B 248 -14.36 -2.11 13.82
CA PRO B 248 -13.85 -3.46 13.77
C PRO B 248 -12.33 -3.44 13.76
N LYS B 249 -11.71 -4.50 14.27
CA LYS B 249 -10.29 -4.75 14.08
C LYS B 249 -9.45 -3.57 14.54
N GLN B 250 -9.82 -2.96 15.66
CA GLN B 250 -9.01 -1.93 16.26
CA GLN B 250 -9.05 -1.90 16.27
C GLN B 250 -8.74 -0.76 15.29
N GLY B 251 -9.64 -0.57 14.33
CA GLY B 251 -9.56 0.56 13.39
C GLY B 251 -8.85 0.23 12.08
N PHE B 252 -8.27 -0.96 11.98
CA PHE B 252 -7.53 -1.39 10.78
C PHE B 252 -8.55 -1.81 9.74
N GLY B 253 -8.33 -1.38 8.51
CA GLY B 253 -9.32 -1.59 7.46
C GLY B 253 -8.70 -1.34 6.11
N GLY B 254 -9.38 -1.78 5.07
CA GLY B 254 -8.85 -1.71 3.72
C GLY B 254 -8.93 -0.28 3.22
N LEU B 255 -7.87 0.18 2.57
CA LEU B 255 -7.86 1.54 2.03
C LEU B 255 -8.35 1.52 0.61
N GLY B 256 -9.20 2.47 0.27
CA GLY B 256 -9.59 2.68 -1.10
C GLY B 256 -9.39 4.14 -1.48
N GLY B 257 -9.60 4.45 -2.75
CA GLY B 257 -9.57 5.82 -3.21
C GLY B 257 -8.21 6.32 -3.61
N ARG B 258 -7.94 7.59 -3.38
N ARG B 258 -7.98 7.61 -3.38
CA ARG B 258 -6.73 8.21 -3.91
CA ARG B 258 -6.77 8.28 -3.83
C ARG B 258 -5.44 7.62 -3.32
C ARG B 258 -5.53 7.49 -3.38
N TYR B 259 -5.53 7.04 -2.13
CA TYR B 259 -4.40 6.35 -1.55
C TYR B 259 -3.87 5.25 -2.45
N VAL B 260 -4.76 4.62 -3.22
CA VAL B 260 -4.42 3.31 -3.77
C VAL B 260 -4.14 3.33 -5.27
N LEU B 261 -4.24 4.50 -5.87
CA LEU B 261 -4.20 4.55 -7.33
C LEU B 261 -2.87 4.02 -7.90
N PRO B 262 -1.71 4.50 -7.41
CA PRO B 262 -0.48 3.97 -8.00
C PRO B 262 -0.31 2.48 -7.73
N THR B 263 -0.79 2.01 -6.58
CA THR B 263 -0.73 0.59 -6.29
C THR B 263 -1.64 -0.16 -7.25
N ALA B 264 -2.83 0.38 -7.48
CA ALA B 264 -3.74 -0.22 -8.42
C ALA B 264 -3.10 -0.25 -9.82
N LEU B 265 -2.58 0.89 -10.25
CA LEU B 265 -1.96 0.95 -11.57
C LEU B 265 -0.84 -0.08 -11.68
N ALA B 266 -0.04 -0.21 -10.62
CA ALA B 266 1.08 -1.13 -10.63
C ALA B 266 0.57 -2.54 -10.85
N ASN B 267 -0.47 -2.90 -10.11
CA ASN B 267 -0.97 -4.24 -10.18
C ASN B 267 -1.67 -4.49 -11.50
N ILE B 268 -2.43 -3.52 -11.96
CA ILE B 268 -3.08 -3.69 -13.25
C ILE B 268 -2.00 -3.97 -14.26
N ASN B 269 -0.98 -3.13 -14.27
CA ASN B 269 0.03 -3.24 -15.27
C ASN B 269 0.88 -4.48 -15.06
N ALA B 270 1.16 -4.82 -13.81
CA ALA B 270 1.98 -5.98 -13.52
C ALA B 270 1.31 -7.23 -14.07
N PHE B 271 0.00 -7.34 -13.90
CA PHE B 271 -0.71 -8.52 -14.35
C PHE B 271 -1.02 -8.43 -15.84
N TYR B 272 -1.24 -7.22 -16.31
CA TYR B 272 -1.39 -7.00 -17.73
C TYR B 272 -0.17 -7.57 -18.46
N ARG B 273 1.02 -7.29 -17.93
CA ARG B 273 2.25 -7.76 -18.56
C ARG B 273 2.41 -9.27 -18.41
N ARG B 274 2.11 -9.80 -17.22
CA ARG B 274 2.44 -11.19 -16.92
C ARG B 274 1.39 -12.19 -17.31
N CYS B 275 0.18 -11.70 -17.58
CA CYS B 275 -0.91 -12.57 -17.96
C CYS B 275 -1.47 -12.07 -19.28
N PRO B 276 -0.65 -12.11 -20.35
CA PRO B 276 -1.08 -11.57 -21.63
C PRO B 276 -2.29 -12.32 -22.18
N GLY B 277 -2.58 -13.50 -21.66
CA GLY B 277 -3.72 -14.26 -22.16
C GLY B 277 -5.03 -13.86 -21.47
N LYS B 278 -4.95 -12.92 -20.54
CA LYS B 278 -6.12 -12.57 -19.75
C LYS B 278 -6.40 -11.08 -19.88
N LEU B 279 -7.61 -10.69 -19.52
CA LEU B 279 -7.91 -9.28 -19.41
C LEU B 279 -7.74 -8.89 -17.96
N ILE B 280 -7.45 -7.61 -17.76
CA ILE B 280 -7.34 -7.01 -16.45
C ILE B 280 -8.49 -6.06 -16.28
N PHE B 281 -9.17 -6.15 -15.14
CA PHE B 281 -10.11 -5.13 -14.76
C PHE B 281 -9.39 -4.29 -13.73
N GLY B 282 -9.43 -2.98 -13.92
CA GLY B 282 -8.81 -2.10 -12.96
C GLY B 282 -9.79 -1.76 -11.87
N CYS B 283 -9.27 -1.58 -10.67
CA CYS B 283 -10.09 -1.15 -9.56
C CYS B 283 -9.14 -0.47 -8.60
N GLY B 284 -9.44 0.76 -8.24
CA GLY B 284 -8.69 1.43 -7.20
C GLY B 284 -8.39 2.85 -7.60
N GLY B 285 -8.95 3.79 -6.85
CA GLY B 285 -8.58 5.20 -6.96
C GLY B 285 -9.14 5.94 -8.15
N VAL B 286 -10.16 5.38 -8.79
CA VAL B 286 -10.80 6.04 -9.94
C VAL B 286 -11.84 7.02 -9.43
N TYR B 287 -11.58 8.32 -9.62
CA TYR B 287 -12.55 9.35 -9.32
C TYR B 287 -12.98 10.08 -10.57
N THR B 288 -12.13 10.04 -11.60
CA THR B 288 -12.35 10.87 -12.78
C THR B 288 -12.07 10.05 -14.03
N GLY B 289 -12.48 10.56 -15.19
CA GLY B 289 -12.18 9.89 -16.46
C GLY B 289 -10.68 9.83 -16.70
N GLU B 290 -9.96 10.82 -16.20
CA GLU B 290 -8.50 10.77 -16.28
C GLU B 290 -7.90 9.59 -15.49
N ASP B 291 -8.41 9.35 -14.28
CA ASP B 291 -7.99 8.19 -13.49
C ASP B 291 -8.28 6.94 -14.29
N ALA B 292 -9.46 6.88 -14.91
CA ALA B 292 -9.85 5.74 -15.70
C ALA B 292 -8.93 5.60 -16.91
N PHE B 293 -8.56 6.73 -17.49
CA PHE B 293 -7.63 6.75 -18.58
C PHE B 293 -6.33 6.08 -18.16
N LEU B 294 -5.85 6.42 -16.96
CA LEU B 294 -4.66 5.77 -16.41
C LEU B 294 -4.82 4.26 -16.20
N HIS B 295 -5.95 3.83 -15.65
CA HIS B 295 -6.21 2.37 -15.55
C HIS B 295 -6.08 1.69 -16.91
N VAL B 296 -6.72 2.26 -17.91
CA VAL B 296 -6.72 1.64 -19.22
C VAL B 296 -5.32 1.65 -19.83
N LEU B 297 -4.64 2.77 -19.70
CA LEU B 297 -3.25 2.84 -20.13
C LEU B 297 -2.39 1.79 -19.46
N ALA B 298 -2.70 1.47 -18.20
CA ALA B 298 -1.92 0.49 -17.46
C ALA B 298 -2.27 -0.91 -17.91
N GLY B 299 -3.44 -1.04 -18.55
CA GLY B 299 -3.83 -2.29 -19.17
C GLY B 299 -5.28 -2.70 -18.91
N ALA B 300 -6.04 -1.88 -18.18
CA ALA B 300 -7.40 -2.25 -17.79
C ALA B 300 -8.34 -2.34 -18.97
N SER B 301 -9.17 -3.37 -18.98
CA SER B 301 -10.31 -3.46 -19.87
C SER B 301 -11.54 -2.82 -19.22
N MET B 302 -11.97 -3.34 -18.08
CA MET B 302 -13.06 -2.71 -17.34
C MET B 302 -12.40 -1.89 -16.25
N VAL B 303 -13.11 -0.87 -15.78
CA VAL B 303 -12.60 0.00 -14.73
C VAL B 303 -13.66 0.07 -13.64
N GLN B 304 -13.32 -0.40 -12.46
CA GLN B 304 -14.28 -0.43 -11.39
C GLN B 304 -14.09 0.79 -10.51
N VAL B 305 -15.20 1.21 -9.91
CA VAL B 305 -15.20 2.42 -9.15
C VAL B 305 -15.83 2.09 -7.81
N GLY B 306 -15.03 2.26 -6.75
CA GLY B 306 -15.50 1.92 -5.41
C GLY B 306 -15.77 3.18 -4.60
N THR B 307 -14.74 3.65 -3.91
CA THR B 307 -14.85 4.79 -3.03
C THR B 307 -15.59 5.95 -3.68
N ALA B 308 -15.22 6.29 -4.91
CA ALA B 308 -15.77 7.47 -5.54
C ALA B 308 -17.26 7.27 -5.76
N LEU B 309 -17.64 6.05 -6.11
CA LEU B 309 -19.04 5.71 -6.30
C LEU B 309 -19.78 5.74 -4.96
N GLN B 310 -19.13 5.27 -3.91
CA GLN B 310 -19.77 5.26 -2.61
C GLN B 310 -20.12 6.68 -2.22
N GLU B 311 -19.21 7.60 -2.54
CA GLU B 311 -19.40 8.98 -2.13
CA GLU B 311 -19.34 9.00 -2.16
C GLU B 311 -20.33 9.78 -3.05
N GLU B 312 -20.47 9.35 -4.30
CA GLU B 312 -21.21 10.14 -5.26
C GLU B 312 -22.51 9.47 -5.74
N GLY B 313 -22.61 8.16 -5.59
CA GLY B 313 -23.75 7.44 -6.11
C GLY B 313 -23.61 7.19 -7.60
N PRO B 314 -24.56 6.44 -8.18
CA PRO B 314 -24.39 5.90 -9.52
C PRO B 314 -24.43 6.94 -10.63
N SER B 315 -24.82 8.17 -10.30
CA SER B 315 -24.80 9.22 -11.29
C SER B 315 -23.36 9.44 -11.74
N ILE B 316 -22.43 8.96 -10.92
CA ILE B 316 -21.01 9.15 -11.21
C ILE B 316 -20.65 8.56 -12.58
N PHE B 317 -21.37 7.53 -13.00
CA PHE B 317 -21.01 6.87 -14.25
C PHE B 317 -21.25 7.76 -15.47
N GLU B 318 -22.24 8.64 -15.40
CA GLU B 318 -22.46 9.60 -16.48
C GLU B 318 -21.28 10.55 -16.55
N ARG B 319 -20.83 11.01 -15.39
CA ARG B 319 -19.69 11.90 -15.30
C ARG B 319 -18.43 11.21 -15.82
N LEU B 320 -18.20 9.98 -15.39
CA LEU B 320 -16.97 9.26 -15.72
C LEU B 320 -16.90 8.93 -17.22
N THR B 321 -18.02 8.51 -17.80
CA THR B 321 -18.06 8.25 -19.25
C THR B 321 -17.77 9.54 -19.99
N SER B 322 -18.45 10.60 -19.60
CA SER B 322 -18.24 11.90 -20.22
C SER B 322 -16.79 12.37 -20.05
N GLU B 323 -16.23 12.20 -18.87
CA GLU B 323 -14.86 12.63 -18.64
C GLU B 323 -13.85 11.79 -19.41
N LEU B 324 -14.08 10.49 -19.51
CA LEU B 324 -13.14 9.64 -20.22
C LEU B 324 -13.20 9.95 -21.70
N LEU B 325 -14.42 10.17 -22.22
CA LEU B 325 -14.57 10.59 -23.61
C LEU B 325 -13.84 11.91 -23.83
N GLY B 326 -13.93 12.82 -22.86
CA GLY B 326 -13.28 14.11 -22.99
C GLY B 326 -11.76 13.98 -22.97
N VAL B 327 -11.25 13.12 -22.08
CA VAL B 327 -9.83 12.84 -22.02
C VAL B 327 -9.34 12.21 -23.32
N MET B 328 -10.15 11.30 -23.86
CA MET B 328 -9.83 10.69 -25.13
C MET B 328 -9.88 11.68 -26.28
N ALA B 329 -10.92 12.53 -26.31
CA ALA B 329 -11.01 13.52 -27.38
C ALA B 329 -9.80 14.43 -27.35
N LYS B 330 -9.38 14.88 -26.17
CA LYS B 330 -8.21 15.75 -26.05
C LYS B 330 -6.94 15.03 -26.51
N LYS B 331 -6.92 13.71 -26.35
CA LYS B 331 -5.71 12.95 -26.62
C LYS B 331 -5.79 12.27 -27.96
N ARG B 332 -6.90 12.49 -28.65
CA ARG B 332 -7.10 12.01 -30.01
C ARG B 332 -7.09 10.49 -30.03
N TYR B 333 -7.80 9.93 -29.05
CA TYR B 333 -8.08 8.51 -29.05
C TYR B 333 -9.54 8.32 -29.40
N GLN B 334 -9.82 7.29 -30.18
CA GLN B 334 -11.21 7.02 -30.52
C GLN B 334 -11.72 5.80 -29.79
N THR B 335 -10.83 4.87 -29.48
CA THR B 335 -11.23 3.64 -28.80
C THR B 335 -10.25 3.33 -27.68
N LEU B 336 -10.68 2.48 -26.75
CA LEU B 336 -9.87 2.12 -25.60
C LEU B 336 -8.74 1.23 -26.06
N ASP B 337 -9.02 0.38 -27.04
CA ASP B 337 -8.01 -0.52 -27.53
CA ASP B 337 -8.03 -0.52 -27.63
C ASP B 337 -6.80 0.24 -28.07
N GLU B 338 -6.98 1.51 -28.41
CA GLU B 338 -5.90 2.31 -28.96
C GLU B 338 -4.78 2.62 -27.97
N PHE B 339 -5.09 2.62 -26.68
CA PHE B 339 -4.07 2.94 -25.70
C PHE B 339 -4.03 1.97 -24.51
N ARG B 340 -4.97 1.02 -24.46
CA ARG B 340 -4.97 0.03 -23.38
CA ARG B 340 -4.98 0.03 -23.39
C ARG B 340 -3.61 -0.65 -23.27
N GLY B 341 -2.98 -0.53 -22.12
CA GLY B 341 -1.74 -1.23 -21.88
C GLY B 341 -0.53 -0.53 -22.47
N LYS B 342 -0.74 0.63 -23.08
CA LYS B 342 0.31 1.28 -23.86
C LYS B 342 1.07 2.33 -23.08
N VAL B 343 0.99 2.26 -21.75
CA VAL B 343 1.77 3.17 -20.93
C VAL B 343 3.21 3.06 -21.40
N ARG B 344 3.84 4.20 -21.56
CA ARG B 344 5.21 4.24 -22.05
C ARG B 344 6.18 4.19 -20.88
N THR B 345 7.17 3.30 -20.96
CA THR B 345 8.23 3.25 -19.98
C THR B 345 9.42 4.06 -20.48
N LEU B 346 10.31 4.41 -19.56
CA LEU B 346 11.46 5.24 -19.90
C LEU B 346 12.71 4.41 -20.05
#